data_5XK2
#
_entry.id   5XK2
#
_cell.length_a   47.329
_cell.length_b   67.277
_cell.length_c   89.574
_cell.angle_alpha   90.000
_cell.angle_beta   95.210
_cell.angle_gamma   90.000
#
_symmetry.space_group_name_H-M   'P 1 21 1'
#
loop_
_entity.id
_entity.type
_entity.pdbx_description
1 polymer 'Diacylglycerol lipase'
2 water water
#
_entity_poly.entity_id   1
_entity_poly.type   'polypeptide(L)'
_entity_poly.pdbx_seq_one_letter_code
;YPTAIDVRDIPTTQLEDFKFWVQYAAATYCPNNYVAKDGEKLNCSVGNCPDVEAAGSTVKLSFSDDTITDTAGFVAVDNT
NKAIVVAFRGSYSIRNWVTDATFPQTDPGLCDGCKAELGFWTAWKVVRDRIIKTLDELKPEHSDYKIVVVGHSLGAAIAS
LAAADLRTKNYDAILYAYAAPRVANKPLAEFITNQGNNYRFTHNDDPVPKLPLLTMGYVHISPEYYITAPDNTTVTDNQV
TVLDGYVNFKGNTGTSGGLPDLLAFHSHVWYFIHADACKGPGLPLR
;
_entity_poly.pdbx_strand_id   A,B
#
# COMPACT_ATOMS: atom_id res chain seq x y z
N ILE A 10 9.30 10.26 2.53
CA ILE A 10 9.51 9.64 3.83
C ILE A 10 8.60 8.43 3.96
N PRO A 11 9.06 7.37 4.67
CA PRO A 11 8.19 6.22 4.85
C PRO A 11 7.01 6.53 5.76
N THR A 12 5.84 6.02 5.39
CA THR A 12 4.63 6.24 6.17
C THR A 12 3.86 4.92 6.27
N THR A 13 3.07 4.77 7.34
CA THR A 13 2.30 3.55 7.51
C THR A 13 0.84 3.74 7.13
N GLN A 14 0.12 2.63 7.11
CA GLN A 14 -1.31 2.70 6.88
C GLN A 14 -1.98 3.44 8.03
N LEU A 15 -1.52 3.21 9.24
CA LEU A 15 -2.09 3.89 10.41
C LEU A 15 -1.93 5.40 10.29
N GLU A 16 -0.76 5.84 9.84
CA GLU A 16 -0.53 7.28 9.68
C GLU A 16 -1.48 7.85 8.63
N ASP A 17 -1.69 7.08 7.56
CA ASP A 17 -2.64 7.49 6.51
C ASP A 17 -4.03 7.69 7.11
N PHE A 18 -4.45 6.71 7.91
CA PHE A 18 -5.79 6.76 8.52
C PHE A 18 -5.94 7.98 9.43
N LYS A 19 -4.88 8.32 10.15
CA LYS A 19 -4.88 9.49 11.04
C LYS A 19 -4.89 10.82 10.29
N PHE A 20 -4.50 10.79 9.01
CA PHE A 20 -4.51 12.00 8.21
C PHE A 20 -5.88 12.34 7.62
N TRP A 21 -6.53 11.40 6.93
CA TRP A 21 -7.73 11.78 6.17
C TRP A 21 -8.88 12.15 7.10
N VAL A 22 -8.84 11.67 8.34
CA VAL A 22 -9.91 12.02 9.28
C VAL A 22 -9.91 13.55 9.55
N GLN A 23 -8.77 14.20 9.34
CA GLN A 23 -8.70 15.64 9.52
C GLN A 23 -9.51 16.40 8.47
N TYR A 24 -9.68 15.80 7.28
CA TYR A 24 -10.59 16.41 6.31
C TYR A 24 -12.04 16.26 6.76
N ALA A 25 -12.38 15.11 7.31
CA ALA A 25 -13.69 14.94 7.93
C ALA A 25 -13.91 15.99 9.02
N ALA A 26 -12.89 16.20 9.84
CA ALA A 26 -12.98 17.19 10.92
C ALA A 26 -13.25 18.59 10.34
N ALA A 27 -12.61 18.89 9.22
CA ALA A 27 -12.76 20.19 8.61
C ALA A 27 -14.19 20.48 8.11
N THR A 28 -14.97 19.42 7.82
CA THR A 28 -16.34 19.62 7.32
C THR A 28 -17.28 20.13 8.40
N TYR A 29 -16.86 20.06 9.67
CA TYR A 29 -17.70 20.61 10.75
C TYR A 29 -17.51 22.11 10.95
N CYS A 30 -16.44 22.68 10.39
CA CYS A 30 -16.14 24.11 10.56
C CYS A 30 -16.96 24.93 9.58
N PRO A 31 -17.82 25.83 10.07
CA PRO A 31 -18.67 26.57 9.15
C PRO A 31 -17.88 27.33 8.08
N ASN A 32 -16.72 27.89 8.42
CA ASN A 32 -15.94 28.60 7.42
C ASN A 32 -15.57 27.75 6.22
N ASN A 33 -15.38 26.44 6.43
CA ASN A 33 -14.96 25.59 5.32
C ASN A 33 -16.12 25.23 4.42
N TYR A 34 -17.32 25.07 4.95
CA TYR A 34 -18.39 24.69 4.03
C TYR A 34 -19.19 25.86 3.46
N VAL A 35 -18.86 27.09 3.85
CA VAL A 35 -19.29 28.25 3.05
C VAL A 35 -18.17 28.91 2.25
N ALA A 36 -16.96 28.36 2.32
CA ALA A 36 -15.79 28.99 1.70
C ALA A 36 -15.94 29.19 0.18
N LYS A 37 -15.42 30.30 -0.31
CA LYS A 37 -15.35 30.48 -1.75
C LYS A 37 -14.10 29.80 -2.30
N ASP A 38 -14.05 29.71 -3.62
CA ASP A 38 -12.91 29.13 -4.30
C ASP A 38 -11.66 29.87 -3.90
N GLY A 39 -10.62 29.12 -3.53
CA GLY A 39 -9.35 29.73 -3.19
C GLY A 39 -9.10 29.91 -1.69
N GLU A 40 -10.13 29.73 -0.85
CA GLU A 40 -9.87 29.84 0.59
C GLU A 40 -9.20 28.58 1.12
N LYS A 41 -8.21 28.76 1.99
CA LYS A 41 -7.49 27.61 2.61
C LYS A 41 -8.39 26.93 3.62
N LEU A 42 -8.45 25.60 3.57
CA LEU A 42 -9.09 24.85 4.64
C LEU A 42 -8.41 25.19 5.96
N ASN A 43 -9.19 25.47 6.98
CA ASN A 43 -8.58 25.64 8.30
C ASN A 43 -9.60 25.35 9.38
N CYS A 44 -9.13 24.90 10.54
CA CYS A 44 -10.02 24.50 11.61
C CYS A 44 -9.70 25.33 12.85
N SER A 45 -10.64 26.17 13.24
CA SER A 45 -10.49 27.11 14.33
C SER A 45 -10.10 26.44 15.62
N VAL A 46 -10.61 25.22 15.84
CA VAL A 46 -10.34 24.51 17.09
C VAL A 46 -9.02 23.70 17.04
N GLY A 47 -8.35 23.70 15.89
CA GLY A 47 -6.99 23.17 15.79
C GLY A 47 -6.88 21.68 15.57
N ASN A 48 -7.94 21.05 15.08
CA ASN A 48 -7.90 19.60 14.85
C ASN A 48 -7.66 19.17 13.41
N CYS A 49 -7.29 20.11 12.52
CA CYS A 49 -6.76 19.64 11.23
C CYS A 49 -5.41 20.23 10.85
N PRO A 50 -4.40 20.07 11.74
CA PRO A 50 -3.12 20.72 11.49
C PRO A 50 -2.41 20.22 10.24
N ASP A 51 -2.55 18.94 9.90
CA ASP A 51 -1.82 18.45 8.74
C ASP A 51 -2.49 18.82 7.42
N VAL A 52 -3.80 19.05 7.46
CA VAL A 52 -4.49 19.63 6.31
C VAL A 52 -3.97 21.05 6.04
N GLU A 53 -3.84 21.83 7.11
CA GLU A 53 -3.36 23.20 6.95
C GLU A 53 -1.90 23.17 6.49
N ALA A 54 -1.13 22.23 7.00
CA ALA A 54 0.29 22.13 6.63
C ALA A 54 0.46 21.78 5.15
N ALA A 55 -0.52 21.06 4.62
CA ALA A 55 -0.50 20.64 3.22
C ALA A 55 -0.96 21.77 2.30
N GLY A 56 -1.49 22.84 2.87
CA GLY A 56 -1.94 24.00 2.10
C GLY A 56 -3.22 23.77 1.32
N SER A 57 -4.04 22.82 1.79
CA SER A 57 -5.18 22.39 0.99
C SER A 57 -6.20 23.52 0.84
N THR A 58 -6.74 23.61 -0.37
CA THR A 58 -7.54 24.77 -0.77
C THR A 58 -8.91 24.36 -1.25
N VAL A 59 -9.95 25.08 -0.80
CA VAL A 59 -11.32 24.83 -1.29
C VAL A 59 -11.48 25.24 -2.75
N LYS A 60 -12.08 24.34 -3.52
CA LYS A 60 -12.46 24.61 -4.92
C LYS A 60 -13.95 24.96 -4.92
N LEU A 61 -14.74 24.14 -4.23
CA LEU A 61 -16.18 24.37 -4.11
C LEU A 61 -16.66 23.96 -2.73
N SER A 62 -17.54 24.75 -2.15
CA SER A 62 -18.18 24.34 -0.89
C SER A 62 -19.68 24.25 -1.15
N PHE A 63 -20.37 23.50 -0.30
CA PHE A 63 -21.81 23.33 -0.42
C PHE A 63 -22.44 23.17 0.95
N SER A 64 -23.61 23.74 1.09
CA SER A 64 -24.35 23.63 2.34
C SER A 64 -25.85 23.59 2.02
N ASP A 65 -26.55 22.57 2.50
CA ASP A 65 -27.99 22.52 2.33
C ASP A 65 -28.68 22.61 3.68
N ASP A 66 -29.22 23.78 3.98
CA ASP A 66 -29.88 24.04 5.26
C ASP A 66 -31.39 23.85 5.12
N THR A 67 -31.81 23.45 3.92
CA THR A 67 -33.22 23.42 3.60
C THR A 67 -33.82 22.05 3.83
N ILE A 68 -33.32 21.07 3.09
CA ILE A 68 -33.92 19.74 3.10
C ILE A 68 -33.02 18.72 3.82
N THR A 69 -31.80 18.50 3.36
CA THR A 69 -30.98 17.39 3.89
C THR A 69 -30.00 17.70 5.02
N ASP A 70 -29.77 18.97 5.34
CA ASP A 70 -28.82 19.33 6.41
C ASP A 70 -27.43 18.73 6.16
N THR A 71 -27.01 18.80 4.90
CA THR A 71 -25.71 18.30 4.42
C THR A 71 -24.80 19.46 4.07
N ALA A 72 -23.50 19.32 4.36
CA ALA A 72 -22.54 20.36 3.99
C ALA A 72 -21.22 19.70 3.65
N GLY A 73 -20.29 20.46 3.06
CA GLY A 73 -18.98 19.90 2.78
C GLY A 73 -18.25 20.70 1.74
N PHE A 74 -17.24 20.10 1.12
CA PHE A 74 -16.43 20.81 0.15
C PHE A 74 -15.72 19.85 -0.78
N VAL A 75 -15.26 20.38 -1.91
CA VAL A 75 -14.26 19.72 -2.74
C VAL A 75 -13.01 20.55 -2.61
N ALA A 76 -11.91 19.94 -2.19
CA ALA A 76 -10.66 20.66 -1.97
C ALA A 76 -9.52 20.02 -2.75
N VAL A 77 -8.47 20.82 -2.98
CA VAL A 77 -7.30 20.33 -3.69
C VAL A 77 -6.14 20.28 -2.72
N ASP A 78 -5.52 19.10 -2.59
CA ASP A 78 -4.33 18.95 -1.76
C ASP A 78 -3.15 18.68 -2.70
N ASN A 79 -2.32 19.70 -2.92
CA ASN A 79 -1.22 19.57 -3.86
C ASN A 79 0.01 18.94 -3.21
N THR A 80 -0.02 18.85 -1.90
CA THR A 80 1.07 18.19 -1.20
C THR A 80 0.95 16.68 -1.35
N ASN A 81 -0.25 16.18 -1.13
CA ASN A 81 -0.51 14.74 -1.20
C ASN A 81 -1.11 14.27 -2.53
N LYS A 82 -1.24 15.22 -3.46
CA LYS A 82 -1.77 14.95 -4.80
C LYS A 82 -3.11 14.25 -4.73
N ALA A 83 -4.05 14.91 -4.06
CA ALA A 83 -5.38 14.38 -3.88
C ALA A 83 -6.42 15.45 -4.09
N ILE A 84 -7.52 15.05 -4.72
CA ILE A 84 -8.74 15.85 -4.74
C ILE A 84 -9.61 15.23 -3.69
N VAL A 85 -10.07 16.05 -2.74
CA VAL A 85 -10.82 15.54 -1.61
C VAL A 85 -12.26 16.00 -1.68
N VAL A 86 -13.19 15.06 -1.64
CA VAL A 86 -14.62 15.35 -1.55
C VAL A 86 -15.04 14.97 -0.14
N ALA A 87 -15.42 15.94 0.67
CA ALA A 87 -15.67 15.68 2.08
C ALA A 87 -17.07 16.09 2.46
N PHE A 88 -17.73 15.26 3.27
CA PHE A 88 -19.13 15.51 3.66
C PHE A 88 -19.33 15.60 5.16
N ARG A 89 -20.20 16.53 5.55
CA ARG A 89 -20.77 16.60 6.89
C ARG A 89 -22.25 16.29 6.74
N GLY A 90 -22.74 15.35 7.53
CA GLY A 90 -24.16 15.09 7.53
C GLY A 90 -24.85 15.90 8.62
N SER A 91 -26.08 15.53 8.92
CA SER A 91 -26.84 16.20 9.96
C SER A 91 -26.19 15.99 11.33
N TYR A 92 -26.11 17.05 12.11
CA TYR A 92 -25.51 16.96 13.43
C TYR A 92 -26.50 16.46 14.46
N SER A 93 -27.80 16.57 14.18
CA SER A 93 -28.75 16.16 15.20
C SER A 93 -29.01 14.67 15.07
N ILE A 94 -28.45 13.91 16.01
CA ILE A 94 -28.65 12.47 16.04
C ILE A 94 -30.09 12.16 16.44
N ARG A 95 -30.63 12.96 17.36
CA ARG A 95 -32.01 12.71 17.79
C ARG A 95 -32.97 12.88 16.61
N ASN A 96 -32.76 13.88 15.76
CA ASN A 96 -33.66 14.04 14.63
C ASN A 96 -33.53 12.91 13.63
N TRP A 97 -32.32 12.38 13.49
CA TRP A 97 -32.06 11.28 12.58
C TRP A 97 -32.83 10.02 13.01
N VAL A 98 -32.83 9.74 14.31
CA VAL A 98 -33.45 8.51 14.79
C VAL A 98 -34.90 8.61 15.28
N THR A 99 -35.43 9.83 15.45
CA THR A 99 -36.71 9.96 16.17
C THR A 99 -37.89 9.27 15.47
N ASP A 100 -37.90 9.25 14.14
CA ASP A 100 -38.92 8.49 13.41
C ASP A 100 -38.80 6.97 13.54
N ALA A 101 -37.58 6.51 13.82
CA ALA A 101 -37.28 5.09 14.01
C ALA A 101 -37.58 4.30 12.75
N THR A 102 -37.58 5.00 11.61
CA THR A 102 -37.83 4.37 10.30
C THR A 102 -36.73 4.81 9.34
N PHE A 103 -36.25 3.87 8.53
CA PHE A 103 -35.15 4.15 7.61
C PHE A 103 -35.44 3.49 6.26
N PRO A 104 -36.36 4.08 5.48
CA PRO A 104 -36.75 3.47 4.20
C PRO A 104 -35.60 3.39 3.21
N GLN A 105 -35.67 2.37 2.36
CA GLN A 105 -34.68 2.11 1.31
C GLN A 105 -35.16 2.64 -0.03
N THR A 106 -34.22 3.00 -0.89
CA THR A 106 -34.53 3.48 -2.24
C THR A 106 -33.60 2.80 -3.24
N ASP A 107 -33.97 2.82 -4.53
CA ASP A 107 -33.12 2.24 -5.57
C ASP A 107 -32.20 3.30 -6.16
N PRO A 108 -30.89 3.24 -5.84
CA PRO A 108 -29.88 4.18 -6.34
C PRO A 108 -29.46 3.95 -7.79
N GLY A 109 -29.87 2.85 -8.42
CA GLY A 109 -29.53 2.60 -9.81
C GLY A 109 -28.07 2.19 -9.97
N LEU A 110 -27.52 1.54 -8.94
CA LEU A 110 -26.11 1.15 -8.99
C LEU A 110 -25.79 -0.30 -9.34
N CYS A 111 -26.75 -1.19 -9.15
CA CYS A 111 -26.53 -2.63 -9.34
C CYS A 111 -27.80 -3.41 -9.11
N ASP A 112 -27.80 -4.68 -9.53
CA ASP A 112 -29.01 -5.47 -9.51
C ASP A 112 -29.48 -5.76 -8.07
N GLY A 113 -30.70 -5.35 -7.77
CA GLY A 113 -31.31 -5.57 -6.47
C GLY A 113 -30.74 -4.68 -5.38
N CYS A 114 -29.92 -3.71 -5.77
CA CYS A 114 -29.24 -2.86 -4.79
C CYS A 114 -30.17 -1.79 -4.25
N LYS A 115 -30.10 -1.54 -2.95
CA LYS A 115 -30.94 -0.54 -2.31
C LYS A 115 -30.09 0.22 -1.32
N ALA A 116 -30.35 1.52 -1.19
CA ALA A 116 -29.62 2.39 -0.28
C ALA A 116 -30.55 3.11 0.66
N GLU A 117 -30.01 3.60 1.77
CA GLU A 117 -30.79 4.38 2.72
C GLU A 117 -31.26 5.67 2.03
N LEU A 118 -32.57 5.94 2.05
CA LEU A 118 -33.13 7.04 1.26
C LEU A 118 -32.56 8.40 1.65
N GLY A 119 -32.45 8.65 2.96
CA GLY A 119 -31.98 9.94 3.43
C GLY A 119 -30.58 10.25 2.93
N PHE A 120 -29.68 9.29 3.10
CA PHE A 120 -28.28 9.51 2.71
C PHE A 120 -28.13 9.59 1.20
N TRP A 121 -28.90 8.76 0.48
CA TRP A 121 -28.83 8.79 -0.98
C TRP A 121 -29.35 10.14 -1.48
N THR A 122 -30.43 10.62 -0.88
CA THR A 122 -30.98 11.93 -1.22
C THR A 122 -29.96 13.06 -1.00
N ALA A 123 -29.25 12.99 0.13
CA ALA A 123 -28.25 13.99 0.45
C ALA A 123 -27.17 14.05 -0.64
N TRP A 124 -26.70 12.89 -1.08
CA TRP A 124 -25.69 12.83 -2.14
C TRP A 124 -26.26 13.38 -3.44
N LYS A 125 -27.49 12.99 -3.76
CA LYS A 125 -28.10 13.42 -5.03
C LYS A 125 -28.23 14.94 -5.14
N VAL A 126 -28.46 15.61 -4.02
CA VAL A 126 -28.63 17.06 -4.01
C VAL A 126 -27.33 17.77 -4.40
N VAL A 127 -26.18 17.22 -3.99
CA VAL A 127 -24.90 17.82 -4.34
C VAL A 127 -24.09 17.13 -5.46
N ARG A 128 -24.58 16.01 -5.98
CA ARG A 128 -23.80 15.22 -6.93
C ARG A 128 -23.37 15.97 -8.20
N ASP A 129 -24.30 16.68 -8.82
CA ASP A 129 -24.00 17.36 -10.08
C ASP A 129 -22.89 18.41 -9.94
N ARG A 130 -22.98 19.21 -8.88
CA ARG A 130 -21.97 20.22 -8.56
C ARG A 130 -20.61 19.59 -8.33
N ILE A 131 -20.60 18.48 -7.61
CA ILE A 131 -19.34 17.81 -7.27
C ILE A 131 -18.68 17.19 -8.51
N ILE A 132 -19.47 16.54 -9.35
CA ILE A 132 -18.94 15.97 -10.58
C ILE A 132 -18.42 17.07 -11.51
N LYS A 133 -19.17 18.17 -11.59
CA LYS A 133 -18.74 19.32 -12.40
C LYS A 133 -17.37 19.77 -11.94
N THR A 134 -17.20 19.86 -10.63
CA THR A 134 -15.93 20.30 -10.05
C THR A 134 -14.80 19.29 -10.27
N LEU A 135 -15.08 17.99 -10.10
CA LEU A 135 -14.06 16.99 -10.37
C LEU A 135 -13.58 17.09 -11.82
N ASP A 136 -14.54 17.28 -12.73
CA ASP A 136 -14.22 17.37 -14.14
C ASP A 136 -13.36 18.61 -14.44
N GLU A 137 -13.68 19.73 -13.81
CA GLU A 137 -12.91 20.96 -13.99
C GLU A 137 -11.47 20.78 -13.46
N LEU A 138 -11.32 20.04 -12.36
CA LEU A 138 -10.01 19.89 -11.75
C LEU A 138 -9.12 18.90 -12.47
N LYS A 139 -9.71 18.02 -13.26
CA LYS A 139 -8.93 16.91 -13.82
C LYS A 139 -7.74 17.32 -14.70
N PRO A 140 -7.93 18.22 -15.69
CA PRO A 140 -6.81 18.48 -16.61
C PRO A 140 -5.51 18.94 -15.97
N GLU A 141 -5.57 19.79 -14.94
CA GLU A 141 -4.34 20.24 -14.32
C GLU A 141 -3.91 19.40 -13.12
N HIS A 142 -4.79 18.50 -12.70
CA HIS A 142 -4.55 17.54 -11.60
C HIS A 142 -4.62 16.06 -12.03
N SER A 143 -4.30 15.74 -13.29
CA SER A 143 -4.79 14.49 -13.90
C SER A 143 -4.43 13.18 -13.18
N ASP A 144 -3.30 13.14 -12.49
CA ASP A 144 -2.88 11.91 -11.80
C ASP A 144 -3.22 11.89 -10.32
N TYR A 145 -3.98 12.87 -9.84
CA TYR A 145 -4.32 12.93 -8.42
C TYR A 145 -5.27 11.83 -7.98
N LYS A 146 -5.13 11.38 -6.73
CA LYS A 146 -6.12 10.50 -6.13
C LYS A 146 -7.40 11.26 -5.93
N ILE A 147 -8.51 10.55 -5.96
CA ILE A 147 -9.79 11.12 -5.57
C ILE A 147 -10.20 10.48 -4.26
N VAL A 148 -10.24 11.29 -3.20
CA VAL A 148 -10.54 10.80 -1.85
C VAL A 148 -11.90 11.30 -1.41
N VAL A 149 -12.76 10.40 -0.96
CA VAL A 149 -14.12 10.72 -0.53
C VAL A 149 -14.19 10.37 0.95
N VAL A 150 -14.51 11.35 1.79
CA VAL A 150 -14.30 11.20 3.21
C VAL A 150 -15.42 11.85 4.01
N GLY A 151 -15.73 11.27 5.14
CA GLY A 151 -16.64 11.91 6.08
C GLY A 151 -16.57 11.22 7.44
N HIS A 152 -17.20 11.84 8.44
CA HIS A 152 -17.34 11.26 9.76
C HIS A 152 -18.83 11.23 10.11
N SER A 153 -19.26 10.24 10.89
CA SER A 153 -20.63 10.18 11.38
C SER A 153 -21.60 10.09 10.20
N LEU A 154 -22.69 10.86 10.23
CA LEU A 154 -23.66 10.78 9.12
C LEU A 154 -23.00 11.21 7.79
N GLY A 155 -22.04 12.13 7.87
CA GLY A 155 -21.28 12.49 6.68
C GLY A 155 -20.52 11.32 6.08
N ALA A 156 -20.07 10.39 6.92
CA ALA A 156 -19.39 9.18 6.43
C ALA A 156 -20.36 8.28 5.67
N ALA A 157 -21.63 8.29 6.08
CA ALA A 157 -22.65 7.54 5.34
C ALA A 157 -22.84 8.13 3.94
N ILE A 158 -22.95 9.44 3.88
CA ILE A 158 -23.10 10.10 2.58
C ILE A 158 -21.87 9.81 1.73
N ALA A 159 -20.69 9.88 2.34
CA ALA A 159 -19.47 9.60 1.61
C ALA A 159 -19.47 8.18 1.04
N SER A 160 -19.99 7.22 1.80
CA SER A 160 -20.03 5.81 1.36
C SER A 160 -20.80 5.67 0.04
N LEU A 161 -21.98 6.29 -0.02
CA LEU A 161 -22.80 6.20 -1.21
C LEU A 161 -22.23 7.04 -2.36
N ALA A 162 -21.66 8.20 -2.03
CA ALA A 162 -21.00 9.02 -3.05
C ALA A 162 -19.85 8.27 -3.71
N ALA A 163 -19.00 7.64 -2.90
CA ALA A 163 -17.89 6.88 -3.45
C ALA A 163 -18.39 5.76 -4.38
N ALA A 164 -19.41 5.05 -3.93
CA ALA A 164 -19.98 3.94 -4.70
C ALA A 164 -20.42 4.44 -6.08
N ASP A 165 -21.16 5.54 -6.08
CA ASP A 165 -21.71 6.11 -7.31
C ASP A 165 -20.58 6.63 -8.22
N LEU A 166 -19.67 7.44 -7.64
CA LEU A 166 -18.57 7.96 -8.40
C LEU A 166 -17.77 6.88 -9.10
N ARG A 167 -17.53 5.75 -8.42
CA ARG A 167 -16.78 4.67 -9.02
C ARG A 167 -17.49 4.09 -10.25
N THR A 168 -18.81 4.03 -10.21
CA THR A 168 -19.55 3.51 -11.38
C THR A 168 -19.44 4.48 -12.55
N LYS A 169 -19.04 5.72 -12.25
CA LYS A 169 -18.83 6.77 -13.25
C LYS A 169 -17.36 6.92 -13.66
N ASN A 170 -16.53 5.97 -13.24
CA ASN A 170 -15.09 5.86 -13.57
C ASN A 170 -14.17 6.69 -12.69
N TYR A 171 -14.69 7.41 -11.70
CA TYR A 171 -13.81 8.14 -10.78
C TYR A 171 -13.26 7.13 -9.77
N ASP A 172 -11.95 7.09 -9.57
CA ASP A 172 -11.47 5.96 -8.81
C ASP A 172 -11.42 6.42 -7.35
N ALA A 173 -12.59 6.41 -6.73
CA ALA A 173 -12.72 7.05 -5.42
C ALA A 173 -12.18 6.14 -4.32
N ILE A 174 -11.40 6.72 -3.41
CA ILE A 174 -10.92 6.05 -2.22
C ILE A 174 -11.77 6.51 -1.06
N LEU A 175 -12.39 5.59 -0.35
CA LEU A 175 -13.37 5.95 0.69
C LEU A 175 -12.80 5.88 2.08
N TYR A 176 -12.85 6.99 2.82
CA TYR A 176 -12.57 6.93 4.26
C TYR A 176 -13.85 7.30 5.00
N ALA A 177 -14.47 6.31 5.62
CA ALA A 177 -15.77 6.51 6.26
C ALA A 177 -15.65 6.29 7.74
N TYR A 178 -15.49 7.37 8.49
CA TYR A 178 -15.20 7.25 9.92
C TYR A 178 -16.52 7.26 10.67
N ALA A 179 -16.81 6.18 11.41
CA ALA A 179 -18.00 6.13 12.28
C ALA A 179 -19.29 6.12 11.48
N ALA A 180 -19.27 5.46 10.33
CA ALA A 180 -20.43 5.50 9.44
C ALA A 180 -21.56 4.60 9.91
N PRO A 181 -22.78 5.12 9.84
CA PRO A 181 -24.00 4.30 9.80
C PRO A 181 -23.97 3.33 8.62
N ARG A 182 -24.79 2.29 8.67
CA ARG A 182 -25.06 1.47 7.48
C ARG A 182 -25.79 2.29 6.42
N VAL A 183 -25.44 2.06 5.15
CA VAL A 183 -26.14 2.68 4.03
C VAL A 183 -26.82 1.77 3.03
N ALA A 184 -26.57 0.47 3.11
CA ALA A 184 -26.80 -0.43 1.98
C ALA A 184 -27.51 -1.70 2.39
N ASN A 185 -28.30 -2.27 1.49
CA ASN A 185 -28.79 -3.63 1.70
C ASN A 185 -27.68 -4.61 1.31
N LYS A 186 -27.93 -5.92 1.39
CA LYS A 186 -26.80 -6.84 1.20
C LYS A 186 -26.21 -6.76 -0.23
N PRO A 187 -27.05 -6.80 -1.29
CA PRO A 187 -26.45 -6.71 -2.64
C PRO A 187 -25.62 -5.44 -2.84
N LEU A 188 -26.10 -4.30 -2.33
CA LEU A 188 -25.32 -3.07 -2.49
C LEU A 188 -24.06 -3.09 -1.65
N ALA A 189 -24.14 -3.63 -0.45
CA ALA A 189 -22.93 -3.69 0.37
C ALA A 189 -21.88 -4.60 -0.27
N GLU A 190 -22.32 -5.70 -0.89
CA GLU A 190 -21.35 -6.58 -1.59
C GLU A 190 -20.75 -5.87 -2.80
N PHE A 191 -21.58 -5.15 -3.54
CA PHE A 191 -21.09 -4.38 -4.67
C PHE A 191 -20.03 -3.35 -4.26
N ILE A 192 -20.32 -2.57 -3.24
CA ILE A 192 -19.38 -1.52 -2.81
C ILE A 192 -18.09 -2.15 -2.29
N THR A 193 -18.24 -3.18 -1.46
CA THR A 193 -17.09 -3.90 -0.91
C THR A 193 -16.15 -4.37 -2.01
N ASN A 194 -16.71 -4.96 -3.06
CA ASN A 194 -15.85 -5.51 -4.09
C ASN A 194 -15.33 -4.47 -5.08
N GLN A 195 -15.76 -3.21 -4.93
CA GLN A 195 -15.08 -2.12 -5.64
C GLN A 195 -13.69 -1.87 -5.07
N GLY A 196 -13.49 -2.27 -3.81
CA GLY A 196 -12.23 -2.04 -3.13
C GLY A 196 -12.01 -0.60 -2.72
N ASN A 197 -10.84 -0.34 -2.13
CA ASN A 197 -10.46 1.01 -1.67
C ASN A 197 -11.47 1.57 -0.69
N ASN A 198 -11.94 0.74 0.21
CA ASN A 198 -12.89 1.12 1.27
C ASN A 198 -12.24 1.07 2.64
N TYR A 199 -12.24 2.20 3.34
CA TYR A 199 -11.78 2.20 4.72
C TYR A 199 -12.87 2.75 5.63
N ARG A 200 -13.61 1.82 6.23
CA ARG A 200 -14.71 2.15 7.11
C ARG A 200 -14.31 1.85 8.54
N PHE A 201 -14.48 2.84 9.42
CA PHE A 201 -14.02 2.72 10.80
C PHE A 201 -15.14 2.67 11.80
N THR A 202 -14.90 1.93 12.87
CA THR A 202 -15.76 1.96 14.06
C THR A 202 -14.88 2.13 15.29
N HIS A 203 -15.49 2.55 16.39
CA HIS A 203 -14.70 2.78 17.60
C HIS A 203 -15.41 2.22 18.78
N ASN A 204 -14.83 1.20 19.40
CA ASN A 204 -15.41 0.58 20.60
C ASN A 204 -16.92 0.37 20.43
N ASP A 205 -17.70 0.87 21.40
CA ASP A 205 -19.14 0.65 21.46
C ASP A 205 -19.95 1.79 20.82
N ASP A 206 -19.34 2.56 19.94
CA ASP A 206 -20.06 3.65 19.26
C ASP A 206 -21.44 3.15 18.75
N PRO A 207 -22.53 3.81 19.18
CA PRO A 207 -23.86 3.31 18.75
C PRO A 207 -24.21 3.57 17.28
N VAL A 208 -23.62 4.59 16.68
CA VAL A 208 -24.07 5.03 15.37
C VAL A 208 -23.86 3.99 14.26
N PRO A 209 -22.71 3.29 14.22
CA PRO A 209 -22.54 2.23 13.20
C PRO A 209 -23.49 1.05 13.36
N LYS A 210 -24.27 0.99 14.44
CA LYS A 210 -25.25 -0.08 14.57
C LYS A 210 -26.61 0.27 13.96
N LEU A 211 -26.70 1.44 13.36
CA LEU A 211 -27.96 1.92 12.74
C LEU A 211 -27.75 2.24 11.27
N PRO A 212 -28.78 2.02 10.44
CA PRO A 212 -30.03 1.31 10.73
C PRO A 212 -29.77 -0.15 11.06
N LEU A 213 -30.79 -0.80 11.59
CA LEU A 213 -30.67 -2.18 12.07
C LEU A 213 -30.51 -3.21 10.97
N LEU A 214 -29.88 -4.31 11.33
CA LEU A 214 -29.85 -5.49 10.49
C LEU A 214 -31.27 -5.93 10.12
N THR A 215 -32.19 -5.83 11.08
CA THR A 215 -33.56 -6.28 10.85
C THR A 215 -34.33 -5.34 9.91
N MET A 216 -33.75 -4.18 9.63
CA MET A 216 -34.33 -3.25 8.67
C MET A 216 -33.80 -3.49 7.25
N GLY A 217 -33.00 -4.55 7.08
CA GLY A 217 -32.50 -4.92 5.78
C GLY A 217 -31.19 -4.28 5.36
N TYR A 218 -30.44 -3.79 6.33
CA TYR A 218 -29.15 -3.17 6.02
C TYR A 218 -27.99 -4.03 6.50
N VAL A 219 -26.88 -3.95 5.80
CA VAL A 219 -25.65 -4.57 6.26
C VAL A 219 -24.53 -3.55 6.08
N HIS A 220 -23.30 -3.89 6.45
CA HIS A 220 -22.19 -2.94 6.31
C HIS A 220 -21.28 -3.30 5.14
N ILE A 221 -20.68 -2.27 4.55
CA ILE A 221 -19.53 -2.43 3.70
C ILE A 221 -18.41 -3.08 4.51
N SER A 222 -17.67 -3.99 3.87
CA SER A 222 -16.57 -4.68 4.49
C SER A 222 -15.25 -4.24 3.84
N PRO A 223 -14.13 -4.25 4.59
CA PRO A 223 -14.03 -4.67 5.99
C PRO A 223 -14.33 -3.55 6.99
N GLU A 224 -14.33 -3.92 8.25
CA GLU A 224 -14.46 -2.97 9.36
C GLU A 224 -13.08 -2.74 9.95
N TYR A 225 -12.69 -1.47 10.10
CA TYR A 225 -11.47 -1.16 10.85
C TYR A 225 -11.93 -0.77 12.23
N TYR A 226 -11.78 -1.70 13.16
CA TYR A 226 -12.36 -1.59 14.50
C TYR A 226 -11.30 -1.04 15.44
N ILE A 227 -11.51 0.19 15.90
CA ILE A 227 -10.55 0.88 16.77
C ILE A 227 -10.93 0.62 18.22
N THR A 228 -10.01 0.04 18.97
CA THR A 228 -10.25 -0.25 20.41
C THR A 228 -9.46 0.62 21.39
N ALA A 229 -8.80 1.66 20.91
CA ALA A 229 -8.12 2.60 21.82
C ALA A 229 -9.12 3.38 22.68
N PRO A 230 -8.73 3.76 23.92
CA PRO A 230 -9.57 4.66 24.71
C PRO A 230 -9.74 6.03 24.01
N ASP A 231 -10.83 6.72 24.35
CA ASP A 231 -11.02 8.09 23.90
C ASP A 231 -9.81 8.99 24.19
N ASN A 232 -9.48 9.85 23.24
CA ASN A 232 -8.47 10.91 23.44
C ASN A 232 -7.13 10.32 23.81
N THR A 233 -6.74 9.28 23.08
CA THR A 233 -5.42 8.70 23.24
C THR A 233 -4.84 8.42 21.87
N THR A 234 -3.53 8.25 21.81
CA THR A 234 -2.86 7.91 20.56
C THR A 234 -3.17 6.47 20.21
N VAL A 235 -3.72 6.24 19.01
CA VAL A 235 -4.06 4.90 18.55
C VAL A 235 -2.82 4.23 18.00
N THR A 236 -2.60 2.96 18.36
CA THR A 236 -1.47 2.16 17.89
C THR A 236 -1.98 1.05 16.98
N ASP A 237 -1.08 0.40 16.24
CA ASP A 237 -1.48 -0.68 15.32
C ASP A 237 -2.19 -1.81 16.06
N ASN A 238 -1.80 -2.03 17.31
CA ASN A 238 -2.44 -3.05 18.15
C ASN A 238 -3.87 -2.72 18.52
N GLN A 239 -4.27 -1.48 18.29
CA GLN A 239 -5.62 -1.02 18.60
C GLN A 239 -6.53 -0.88 17.39
N VAL A 240 -6.08 -1.35 16.22
CA VAL A 240 -6.96 -1.37 15.06
C VAL A 240 -7.00 -2.79 14.52
N THR A 241 -8.21 -3.34 14.43
CA THR A 241 -8.41 -4.72 14.01
C THR A 241 -9.26 -4.76 12.76
N VAL A 242 -8.81 -5.47 11.73
CA VAL A 242 -9.53 -5.53 10.46
C VAL A 242 -10.43 -6.75 10.44
N LEU A 243 -11.73 -6.53 10.29
CA LEU A 243 -12.70 -7.62 10.36
C LEU A 243 -13.53 -7.64 9.10
N ASP A 244 -13.46 -8.72 8.31
CA ASP A 244 -14.27 -8.68 7.10
C ASP A 244 -15.60 -9.42 7.28
N GLY A 245 -16.46 -9.39 6.26
CA GLY A 245 -17.83 -9.90 6.36
C GLY A 245 -18.85 -8.77 6.37
N TYR A 246 -20.08 -9.05 5.93
CA TYR A 246 -21.10 -7.99 5.81
C TYR A 246 -21.84 -7.74 7.14
N VAL A 247 -21.79 -8.75 7.98
CA VAL A 247 -22.23 -8.70 9.36
C VAL A 247 -21.14 -9.38 10.15
N ASN A 248 -20.56 -8.69 11.11
CA ASN A 248 -19.49 -9.30 11.90
C ASN A 248 -19.70 -8.98 13.37
N PHE A 249 -19.88 -10.01 14.19
CA PHE A 249 -20.21 -9.76 15.58
C PHE A 249 -19.00 -9.55 16.49
N LYS A 250 -17.79 -9.59 15.93
CA LYS A 250 -16.60 -9.51 16.79
C LYS A 250 -16.01 -8.11 16.90
N GLY A 251 -16.58 -7.17 16.15
CA GLY A 251 -16.23 -5.76 16.26
C GLY A 251 -17.34 -4.94 16.92
N ASN A 252 -17.51 -3.73 16.42
CA ASN A 252 -18.50 -2.81 16.97
C ASN A 252 -19.92 -3.39 17.04
N THR A 253 -20.29 -4.22 16.05
CA THR A 253 -21.64 -4.73 15.99
C THR A 253 -21.99 -5.60 17.20
N GLY A 254 -20.99 -6.23 17.79
CA GLY A 254 -21.21 -7.09 18.95
C GLY A 254 -21.18 -6.40 20.31
N THR A 255 -20.84 -5.11 20.34
CA THR A 255 -20.74 -4.38 21.60
C THR A 255 -22.12 -4.07 22.19
N SER A 256 -22.17 -3.80 23.49
CA SER A 256 -23.43 -3.46 24.18
C SER A 256 -24.53 -4.50 23.95
N GLY A 257 -24.14 -5.76 23.87
CA GLY A 257 -25.10 -6.83 23.65
C GLY A 257 -25.78 -6.70 22.29
N GLY A 258 -25.19 -5.92 21.40
CA GLY A 258 -25.73 -5.71 20.07
C GLY A 258 -26.63 -4.49 19.93
N LEU A 259 -26.98 -3.88 21.05
CA LEU A 259 -27.82 -2.68 21.03
C LEU A 259 -27.00 -1.39 20.87
N PRO A 260 -27.61 -0.34 20.28
CA PRO A 260 -27.01 1.01 20.23
C PRO A 260 -27.19 1.76 21.55
N ASP A 261 -26.20 1.69 22.43
CA ASP A 261 -26.27 2.34 23.75
C ASP A 261 -26.11 3.86 23.64
N LEU A 262 -27.14 4.60 24.06
CA LEU A 262 -27.09 6.05 24.04
C LEU A 262 -25.90 6.59 24.83
N LEU A 263 -25.59 5.95 25.95
CA LEU A 263 -24.51 6.46 26.80
C LEU A 263 -23.14 6.14 26.23
N ALA A 264 -23.09 5.32 25.18
CA ALA A 264 -21.82 5.04 24.50
C ALA A 264 -21.51 6.11 23.46
N PHE A 265 -22.31 7.18 23.40
CA PHE A 265 -22.12 8.17 22.36
C PHE A 265 -20.73 8.83 22.40
N HIS A 266 -20.11 8.90 23.57
CA HIS A 266 -18.75 9.45 23.67
C HIS A 266 -17.82 8.78 22.66
N SER A 267 -18.02 7.49 22.41
CA SER A 267 -17.15 6.73 21.49
C SER A 267 -17.26 7.26 20.06
N HIS A 268 -18.39 7.88 19.74
CA HIS A 268 -18.65 8.34 18.38
C HIS A 268 -17.76 9.49 17.96
N VAL A 269 -17.31 10.31 18.91
CA VAL A 269 -16.61 11.53 18.53
C VAL A 269 -15.10 11.40 18.55
N TRP A 270 -14.59 10.23 18.97
CA TRP A 270 -13.14 10.04 19.03
C TRP A 270 -12.72 8.97 18.02
N TYR A 271 -12.31 9.43 16.83
CA TYR A 271 -11.79 8.54 15.79
C TYR A 271 -10.44 9.11 15.43
N PHE A 272 -9.43 8.58 16.09
CA PHE A 272 -8.05 9.07 16.12
C PHE A 272 -7.87 10.47 16.67
N ILE A 273 -8.82 11.36 16.36
CA ILE A 273 -8.79 12.75 16.79
C ILE A 273 -10.17 13.04 17.32
N HIS A 274 -10.38 14.26 17.84
CA HIS A 274 -11.72 14.64 18.26
C HIS A 274 -12.39 15.15 17.00
N ALA A 275 -13.21 14.28 16.39
CA ALA A 275 -13.56 14.46 14.97
C ALA A 275 -14.51 15.62 14.72
N ASP A 276 -15.44 15.83 15.64
CA ASP A 276 -16.43 16.88 15.47
C ASP A 276 -16.17 18.15 16.28
N ALA A 277 -14.97 18.30 16.83
CA ALA A 277 -14.69 19.41 17.74
C ALA A 277 -14.94 20.79 17.14
N CYS A 278 -14.88 20.89 15.81
CA CYS A 278 -14.94 22.20 15.16
C CYS A 278 -16.39 22.70 15.05
N LYS A 279 -17.35 21.88 15.46
CA LYS A 279 -18.72 22.35 15.56
C LYS A 279 -18.85 23.20 16.84
N GLY A 280 -19.18 24.48 16.68
CA GLY A 280 -19.17 25.39 17.81
C GLY A 280 -20.54 25.85 18.25
N PRO B 11 42.00 -15.88 -13.63
CA PRO B 11 40.72 -16.20 -14.30
C PRO B 11 39.49 -15.92 -13.43
N THR B 12 38.65 -14.98 -13.85
CA THR B 12 37.31 -14.82 -13.30
C THR B 12 36.29 -14.62 -14.43
N THR B 13 35.24 -15.42 -14.41
CA THR B 13 34.27 -15.45 -15.49
C THR B 13 32.97 -14.88 -14.95
N GLN B 14 32.12 -14.45 -15.86
CA GLN B 14 30.83 -13.92 -15.47
C GLN B 14 30.01 -14.96 -14.70
N LEU B 15 30.08 -16.22 -15.14
CA LEU B 15 29.35 -17.31 -14.47
C LEU B 15 29.82 -17.50 -13.03
N GLU B 16 31.13 -17.45 -12.80
CA GLU B 16 31.65 -17.60 -11.44
C GLU B 16 31.16 -16.44 -10.56
N ASP B 17 31.10 -15.26 -11.16
CA ASP B 17 30.58 -14.09 -10.46
C ASP B 17 29.11 -14.32 -10.07
N PHE B 18 28.31 -14.80 -11.02
CA PHE B 18 26.89 -15.07 -10.75
C PHE B 18 26.70 -16.07 -9.63
N LYS B 19 27.56 -17.08 -9.59
CA LYS B 19 27.49 -18.14 -8.58
C LYS B 19 27.89 -17.65 -7.19
N PHE B 20 28.63 -16.54 -7.15
CA PHE B 20 29.06 -16.01 -5.86
C PHE B 20 28.01 -15.14 -5.17
N TRP B 21 27.47 -14.16 -5.90
CA TRP B 21 26.68 -13.14 -5.20
C TRP B 21 25.35 -13.70 -4.71
N VAL B 22 24.90 -14.78 -5.33
CA VAL B 22 23.66 -15.43 -4.90
C VAL B 22 23.80 -15.97 -3.48
N GLN B 23 25.04 -16.25 -3.05
CA GLN B 23 25.27 -16.75 -1.70
C GLN B 23 24.96 -15.68 -0.65
N TYR B 24 25.08 -14.41 -1.02
CA TYR B 24 24.65 -13.34 -0.12
C TYR B 24 23.12 -13.26 -0.03
N ALA B 25 22.45 -13.46 -1.16
CA ALA B 25 21.00 -13.58 -1.14
C ALA B 25 20.60 -14.75 -0.23
N ALA B 26 21.31 -15.86 -0.34
CA ALA B 26 20.99 -17.03 0.47
C ALA B 26 21.14 -16.68 1.94
N ALA B 27 22.17 -15.90 2.25
CA ALA B 27 22.46 -15.56 3.64
C ALA B 27 21.34 -14.74 4.28
N THR B 28 20.54 -14.04 3.47
CA THR B 28 19.47 -13.20 4.02
C THR B 28 18.32 -14.02 4.59
N TYR B 29 18.25 -15.32 4.25
CA TYR B 29 17.21 -16.19 4.78
C TYR B 29 17.55 -16.73 6.17
N CYS B 30 18.83 -16.64 6.55
CA CYS B 30 19.29 -17.15 7.85
C CYS B 30 18.93 -16.17 8.96
N PRO B 31 18.12 -16.61 9.93
CA PRO B 31 17.69 -15.73 11.02
C PRO B 31 18.85 -15.10 11.77
N ASN B 32 19.96 -15.82 11.94
CA ASN B 32 21.10 -15.23 12.64
C ASN B 32 21.69 -14.04 11.88
N ASN B 33 21.62 -14.06 10.55
CA ASN B 33 22.25 -12.99 9.80
C ASN B 33 21.44 -11.69 9.81
N TYR B 34 20.11 -11.76 9.78
CA TYR B 34 19.37 -10.50 9.71
C TYR B 34 19.05 -9.93 11.10
N VAL B 35 19.45 -10.61 12.17
CA VAL B 35 19.53 -9.96 13.49
C VAL B 35 20.97 -9.65 13.94
N ALA B 36 21.94 -9.93 13.08
CA ALA B 36 23.35 -9.85 13.49
C ALA B 36 23.79 -8.45 13.94
N LYS B 37 24.67 -8.43 14.94
CA LYS B 37 25.29 -7.21 15.42
C LYS B 37 26.37 -6.74 14.47
N ASP B 38 26.68 -5.45 14.50
CA ASP B 38 27.77 -4.89 13.72
C ASP B 38 29.08 -5.60 14.07
N GLY B 39 29.72 -6.21 13.06
CA GLY B 39 30.96 -6.95 13.28
C GLY B 39 30.81 -8.47 13.28
N GLU B 40 29.58 -8.95 13.31
CA GLU B 40 29.32 -10.39 13.34
C GLU B 40 29.56 -11.02 11.97
N LYS B 41 30.21 -12.17 11.94
CA LYS B 41 30.41 -12.86 10.66
C LYS B 41 29.10 -13.40 10.12
N LEU B 42 28.90 -13.24 8.81
CA LEU B 42 27.81 -13.93 8.13
C LEU B 42 28.08 -15.43 8.18
N ASN B 43 27.04 -16.21 8.44
CA ASN B 43 27.19 -17.65 8.29
C ASN B 43 25.86 -18.29 7.97
N CYS B 44 25.91 -19.38 7.22
CA CYS B 44 24.70 -20.07 6.82
C CYS B 44 24.79 -21.50 7.33
N SER B 45 23.95 -21.83 8.30
CA SER B 45 24.11 -23.07 9.04
C SER B 45 23.89 -24.29 8.14
N VAL B 46 23.07 -24.13 7.10
CA VAL B 46 22.78 -25.23 6.19
C VAL B 46 23.87 -25.43 5.15
N GLY B 47 24.84 -24.53 5.12
CA GLY B 47 26.04 -24.70 4.31
C GLY B 47 25.97 -24.17 2.89
N ASN B 48 25.00 -23.31 2.60
CA ASN B 48 24.84 -22.79 1.25
C ASN B 48 25.46 -21.42 0.99
N CYS B 49 26.24 -20.88 1.91
CA CYS B 49 27.08 -19.73 1.54
C CYS B 49 28.55 -19.94 1.90
N PRO B 50 29.14 -21.02 1.41
CA PRO B 50 30.50 -21.35 1.83
C PRO B 50 31.54 -20.32 1.39
N ASP B 51 31.36 -19.70 0.23
CA ASP B 51 32.34 -18.76 -0.26
C ASP B 51 32.22 -17.42 0.45
N VAL B 52 31.03 -17.12 0.95
CA VAL B 52 30.86 -15.94 1.79
C VAL B 52 31.63 -16.14 3.09
N GLU B 53 31.45 -17.30 3.72
CA GLU B 53 32.17 -17.60 4.95
C GLU B 53 33.67 -17.61 4.71
N ALA B 54 34.10 -18.18 3.59
CA ALA B 54 35.52 -18.20 3.23
C ALA B 54 36.08 -16.79 3.11
N ALA B 55 35.26 -15.85 2.64
CA ALA B 55 35.69 -14.47 2.44
C ALA B 55 35.76 -13.73 3.77
N GLY B 56 35.14 -14.31 4.80
CA GLY B 56 35.13 -13.70 6.13
C GLY B 56 34.21 -12.49 6.28
N SER B 57 33.22 -12.39 5.41
CA SER B 57 32.34 -11.22 5.36
C SER B 57 31.58 -11.00 6.67
N THR B 58 31.49 -9.75 7.10
CA THR B 58 30.81 -9.41 8.34
C THR B 58 29.66 -8.45 8.10
N VAL B 59 28.68 -8.52 8.98
CA VAL B 59 27.57 -7.57 8.96
C VAL B 59 28.00 -6.21 9.51
N LYS B 60 27.59 -5.15 8.81
CA LYS B 60 27.70 -3.78 9.30
C LYS B 60 26.38 -3.40 9.96
N LEU B 61 25.30 -3.61 9.23
CA LEU B 61 23.96 -3.36 9.76
C LEU B 61 22.98 -4.45 9.30
N SER B 62 22.22 -4.98 10.24
CA SER B 62 21.16 -5.93 9.91
C SER B 62 19.81 -5.26 10.13
N PHE B 63 18.80 -5.71 9.40
CA PHE B 63 17.45 -5.20 9.59
C PHE B 63 16.42 -6.32 9.46
N SER B 64 15.44 -6.28 10.35
CA SER B 64 14.34 -7.22 10.29
C SER B 64 13.04 -6.47 10.55
N ASP B 65 12.13 -6.51 9.58
CA ASP B 65 10.83 -5.87 9.75
C ASP B 65 9.80 -6.93 10.14
N ASP B 66 9.40 -6.84 11.40
CA ASP B 66 8.26 -7.62 11.91
C ASP B 66 6.96 -6.90 11.58
N THR B 67 7.01 -5.57 11.61
CA THR B 67 5.82 -4.73 11.62
C THR B 67 5.01 -4.71 10.32
N ILE B 68 5.64 -4.34 9.21
CA ILE B 68 4.87 -3.96 8.01
C ILE B 68 5.16 -4.84 6.78
N THR B 69 6.39 -4.81 6.29
CA THR B 69 6.72 -5.37 4.98
C THR B 69 7.23 -6.80 5.00
N ASP B 70 7.47 -7.33 6.20
CA ASP B 70 8.09 -8.65 6.35
C ASP B 70 9.40 -8.71 5.54
N THR B 71 10.19 -7.66 5.65
CA THR B 71 11.44 -7.54 4.92
C THR B 71 12.58 -7.74 5.90
N ALA B 72 13.64 -8.40 5.46
CA ALA B 72 14.82 -8.55 6.29
C ALA B 72 16.05 -8.42 5.42
N GLY B 73 17.21 -8.26 6.04
CA GLY B 73 18.44 -8.27 5.27
C GLY B 73 19.58 -7.65 6.03
N PHE B 74 20.61 -7.26 5.31
CA PHE B 74 21.78 -6.67 5.93
C PHE B 74 22.58 -5.85 4.93
N VAL B 75 23.44 -4.99 5.47
CA VAL B 75 24.57 -4.42 4.75
C VAL B 75 25.81 -5.13 5.30
N ALA B 76 26.60 -5.73 4.42
CA ALA B 76 27.77 -6.48 4.86
C ALA B 76 29.02 -5.96 4.17
N VAL B 77 30.17 -6.26 4.76
CA VAL B 77 31.44 -5.89 4.18
C VAL B 77 32.28 -7.11 3.87
N ASP B 78 32.70 -7.20 2.62
CA ASP B 78 33.53 -8.31 2.17
C ASP B 78 34.91 -7.72 1.87
N ASN B 79 35.86 -7.94 2.77
CA ASN B 79 37.19 -7.35 2.64
C ASN B 79 38.06 -8.16 1.69
N THR B 80 37.65 -9.40 1.46
CA THR B 80 38.38 -10.29 0.54
C THR B 80 38.14 -9.87 -0.89
N ASN B 81 36.86 -9.71 -1.24
CA ASN B 81 36.47 -9.33 -2.59
C ASN B 81 36.23 -7.84 -2.78
N LYS B 82 36.53 -7.07 -1.72
CA LYS B 82 36.36 -5.62 -1.69
C LYS B 82 34.98 -5.19 -2.19
N ALA B 83 33.96 -5.62 -1.47
CA ALA B 83 32.59 -5.28 -1.83
C ALA B 83 31.80 -4.93 -0.59
N ILE B 84 30.94 -3.94 -0.73
CA ILE B 84 29.90 -3.65 0.24
C ILE B 84 28.63 -4.29 -0.31
N VAL B 85 27.99 -5.14 0.47
CA VAL B 85 26.84 -5.87 -0.05
C VAL B 85 25.56 -5.46 0.66
N VAL B 86 24.59 -5.00 -0.12
CA VAL B 86 23.29 -4.67 0.43
C VAL B 86 22.34 -5.77 -0.03
N ALA B 87 21.87 -6.60 0.91
CA ALA B 87 21.14 -7.82 0.55
C ALA B 87 19.76 -7.83 1.19
N PHE B 88 18.75 -8.23 0.42
CA PHE B 88 17.36 -8.20 0.88
C PHE B 88 16.71 -9.57 0.83
N ARG B 89 15.96 -9.89 1.87
CA ARG B 89 14.99 -10.98 1.87
C ARG B 89 13.59 -10.35 1.89
N GLY B 90 12.71 -10.75 0.98
CA GLY B 90 11.35 -10.28 1.03
C GLY B 90 10.50 -11.22 1.85
N SER B 91 9.19 -11.05 1.80
CA SER B 91 8.28 -11.94 2.52
C SER B 91 8.39 -13.37 1.99
N TYR B 92 8.30 -14.36 2.89
CA TYR B 92 8.40 -15.77 2.48
C TYR B 92 7.06 -16.30 1.98
N SER B 93 5.97 -15.62 2.33
CA SER B 93 4.68 -16.20 2.03
C SER B 93 4.27 -15.76 0.64
N ILE B 94 4.32 -16.69 -0.30
CA ILE B 94 3.93 -16.41 -1.65
C ILE B 94 2.41 -16.26 -1.70
N ARG B 95 1.70 -17.08 -0.95
CA ARG B 95 0.24 -17.01 -0.97
C ARG B 95 -0.21 -15.64 -0.44
N ASN B 96 0.44 -15.13 0.61
CA ASN B 96 0.08 -13.80 1.12
C ASN B 96 0.35 -12.72 0.09
N TRP B 97 1.39 -12.91 -0.71
CA TRP B 97 1.75 -11.95 -1.73
C TRP B 97 0.71 -11.88 -2.86
N VAL B 98 0.23 -13.04 -3.29
CA VAL B 98 -0.72 -13.09 -4.40
C VAL B 98 -2.20 -13.16 -4.06
N THR B 99 -2.58 -13.41 -2.81
CA THR B 99 -3.99 -13.72 -2.48
C THR B 99 -4.96 -12.58 -2.78
N ASP B 100 -4.52 -11.34 -2.65
CA ASP B 100 -5.39 -10.21 -3.00
C ASP B 100 -5.56 -10.06 -4.52
N ALA B 101 -4.62 -10.64 -5.27
CA ALA B 101 -4.63 -10.64 -6.74
C ALA B 101 -4.58 -9.22 -7.32
N THR B 102 -4.06 -8.29 -6.53
CA THR B 102 -3.95 -6.90 -6.97
C THR B 102 -2.55 -6.39 -6.66
N PHE B 103 -1.98 -5.62 -7.59
CA PHE B 103 -0.62 -5.08 -7.44
C PHE B 103 -0.54 -3.61 -7.84
N PRO B 104 -1.07 -2.72 -6.98
CA PRO B 104 -1.13 -1.31 -7.36
C PRO B 104 0.26 -0.71 -7.53
N GLN B 105 0.38 0.27 -8.41
CA GLN B 105 1.67 0.93 -8.60
C GLN B 105 1.71 2.23 -7.80
N THR B 106 2.89 2.84 -7.75
CA THR B 106 3.11 4.07 -6.99
C THR B 106 4.22 4.85 -7.67
N ASP B 107 4.29 6.14 -7.37
CA ASP B 107 5.32 6.99 -7.97
C ASP B 107 6.54 7.06 -7.04
N PRO B 108 7.66 6.44 -7.44
CA PRO B 108 8.91 6.42 -6.68
C PRO B 108 9.69 7.74 -6.72
N GLY B 109 9.34 8.62 -7.65
CA GLY B 109 10.04 9.89 -7.81
C GLY B 109 11.40 9.79 -8.46
N LEU B 110 11.59 8.74 -9.25
CA LEU B 110 12.85 8.50 -9.96
C LEU B 110 12.99 9.16 -11.33
N CYS B 111 11.93 9.12 -12.13
CA CYS B 111 11.96 9.62 -13.50
C CYS B 111 10.55 9.89 -14.01
N ASP B 112 10.46 10.62 -15.12
CA ASP B 112 9.16 11.06 -15.63
C ASP B 112 8.27 9.89 -16.03
N GLY B 113 7.10 9.81 -15.42
CA GLY B 113 6.12 8.80 -15.77
C GLY B 113 6.41 7.44 -15.16
N CYS B 114 7.49 7.35 -14.41
CA CYS B 114 7.91 6.10 -13.81
C CYS B 114 7.05 5.69 -12.62
N LYS B 115 6.71 4.40 -12.58
CA LYS B 115 5.86 3.84 -11.53
C LYS B 115 6.47 2.52 -11.08
N ALA B 116 6.34 2.22 -9.79
CA ALA B 116 6.88 0.98 -9.23
C ALA B 116 5.81 0.24 -8.43
N GLU B 117 5.99 -1.07 -8.29
CA GLU B 117 5.09 -1.88 -7.47
C GLU B 117 5.06 -1.32 -6.04
N LEU B 118 3.86 -1.02 -5.54
CA LEU B 118 3.73 -0.31 -4.26
C LEU B 118 4.33 -1.07 -3.09
N GLY B 119 4.09 -2.39 -3.02
CA GLY B 119 4.60 -3.18 -1.93
C GLY B 119 6.12 -3.16 -1.84
N PHE B 120 6.78 -3.38 -2.97
CA PHE B 120 8.24 -3.47 -2.99
C PHE B 120 8.86 -2.10 -2.76
N TRP B 121 8.24 -1.05 -3.32
CA TRP B 121 8.81 0.29 -3.12
C TRP B 121 8.70 0.71 -1.65
N THR B 122 7.56 0.39 -1.04
CA THR B 122 7.37 0.65 0.38
C THR B 122 8.40 -0.10 1.23
N ALA B 123 8.65 -1.36 0.91
CA ALA B 123 9.61 -2.15 1.67
C ALA B 123 10.99 -1.49 1.62
N TRP B 124 11.38 -1.02 0.44
CA TRP B 124 12.66 -0.32 0.30
C TRP B 124 12.66 0.98 1.11
N LYS B 125 11.59 1.76 1.02
CA LYS B 125 11.53 3.04 1.73
C LYS B 125 11.70 2.90 3.24
N VAL B 126 11.18 1.80 3.80
CA VAL B 126 11.27 1.57 5.24
C VAL B 126 12.73 1.43 5.71
N VAL B 127 13.57 0.79 4.90
CA VAL B 127 14.98 0.63 5.26
C VAL B 127 15.98 1.58 4.56
N ARG B 128 15.51 2.41 3.64
CA ARG B 128 16.41 3.20 2.78
C ARG B 128 17.36 4.11 3.57
N ASP B 129 16.83 4.76 4.61
CA ASP B 129 17.60 5.79 5.29
C ASP B 129 18.72 5.17 6.14
N ARG B 130 18.42 4.06 6.83
CA ARG B 130 19.47 3.29 7.53
C ARG B 130 20.55 2.83 6.59
N ILE B 131 20.14 2.37 5.42
CA ILE B 131 21.08 1.80 4.48
C ILE B 131 21.98 2.88 3.90
N ILE B 132 21.40 4.02 3.55
CA ILE B 132 22.19 5.14 3.04
C ILE B 132 23.18 5.65 4.11
N LYS B 133 22.72 5.78 5.35
CA LYS B 133 23.59 6.18 6.46
C LYS B 133 24.76 5.21 6.64
N THR B 134 24.47 3.93 6.50
CA THR B 134 25.48 2.90 6.66
C THR B 134 26.51 2.95 5.53
N LEU B 135 26.04 3.10 4.31
CA LEU B 135 26.92 3.25 3.15
C LEU B 135 27.85 4.44 3.33
N ASP B 136 27.32 5.54 3.86
CA ASP B 136 28.13 6.73 4.09
C ASP B 136 29.22 6.48 5.14
N GLU B 137 28.84 5.80 6.23
CA GLU B 137 29.80 5.47 7.28
C GLU B 137 30.93 4.60 6.76
N LEU B 138 30.61 3.73 5.80
CA LEU B 138 31.58 2.78 5.30
C LEU B 138 32.55 3.36 4.28
N LYS B 139 32.18 4.48 3.63
CA LYS B 139 33.02 4.99 2.54
C LYS B 139 34.49 5.18 2.90
N PRO B 140 34.79 5.91 4.00
CA PRO B 140 36.21 6.27 4.24
C PRO B 140 37.22 5.11 4.22
N GLU B 141 36.94 4.01 4.91
CA GLU B 141 37.92 2.93 4.96
C GLU B 141 37.68 1.86 3.90
N HIS B 142 36.53 1.93 3.23
CA HIS B 142 36.19 1.06 2.10
C HIS B 142 36.09 1.72 0.71
N SER B 143 36.63 2.93 0.57
CA SER B 143 36.32 3.83 -0.56
C SER B 143 36.32 3.23 -1.97
N ASP B 144 37.22 2.29 -2.25
CA ASP B 144 37.31 1.72 -3.59
C ASP B 144 36.47 0.44 -3.77
N TYR B 145 35.69 0.08 -2.76
CA TYR B 145 34.87 -1.15 -2.82
C TYR B 145 33.70 -1.00 -3.77
N LYS B 146 33.32 -2.09 -4.43
CA LYS B 146 32.11 -2.04 -5.24
C LYS B 146 30.90 -2.16 -4.33
N ILE B 147 29.78 -1.62 -4.80
CA ILE B 147 28.52 -1.69 -4.07
C ILE B 147 27.61 -2.67 -4.81
N VAL B 148 27.30 -3.77 -4.13
CA VAL B 148 26.52 -4.85 -4.71
C VAL B 148 25.17 -4.88 -4.02
N VAL B 149 24.11 -4.86 -4.82
CA VAL B 149 22.75 -4.91 -4.28
C VAL B 149 22.13 -6.18 -4.78
N VAL B 150 21.68 -7.04 -3.86
CA VAL B 150 21.36 -8.41 -4.22
C VAL B 150 20.15 -8.92 -3.45
N GLY B 151 19.38 -9.76 -4.11
CA GLY B 151 18.29 -10.46 -3.46
C GLY B 151 17.85 -11.66 -4.29
N HIS B 152 17.08 -12.54 -3.65
CA HIS B 152 16.42 -13.63 -4.34
C HIS B 152 14.91 -13.51 -4.10
N SER B 153 14.11 -13.94 -5.08
CA SER B 153 12.66 -13.98 -4.92
C SER B 153 12.11 -12.57 -4.68
N LEU B 154 11.21 -12.40 -3.72
CA LEU B 154 10.66 -11.08 -3.45
C LEU B 154 11.78 -10.11 -3.03
N GLY B 155 12.81 -10.63 -2.38
CA GLY B 155 13.94 -9.80 -2.02
C GLY B 155 14.67 -9.22 -3.22
N ALA B 156 14.64 -9.96 -4.34
CA ALA B 156 15.25 -9.49 -5.58
C ALA B 156 14.46 -8.33 -6.19
N ALA B 157 13.15 -8.34 -5.99
CA ALA B 157 12.33 -7.20 -6.39
C ALA B 157 12.71 -5.95 -5.60
N ILE B 158 12.83 -6.09 -4.28
CA ILE B 158 13.23 -4.98 -3.43
C ILE B 158 14.62 -4.51 -3.85
N ALA B 159 15.53 -5.46 -4.09
CA ALA B 159 16.88 -5.11 -4.57
C ALA B 159 16.89 -4.32 -5.88
N SER B 160 16.00 -4.67 -6.80
CA SER B 160 15.89 -3.98 -8.09
C SER B 160 15.58 -2.50 -7.90
N LEU B 161 14.60 -2.21 -7.07
CA LEU B 161 14.21 -0.83 -6.81
C LEU B 161 15.27 -0.11 -5.96
N ALA B 162 15.85 -0.83 -5.00
CA ALA B 162 16.91 -0.26 -4.16
C ALA B 162 18.09 0.18 -5.02
N ALA B 163 18.51 -0.68 -5.94
CA ALA B 163 19.62 -0.35 -6.82
C ALA B 163 19.29 0.86 -7.69
N ALA B 164 18.10 0.87 -8.25
CA ALA B 164 17.64 1.99 -9.08
C ALA B 164 17.74 3.30 -8.32
N ASP B 165 17.27 3.30 -7.08
CA ASP B 165 17.23 4.50 -6.26
C ASP B 165 18.63 4.92 -5.81
N LEU B 166 19.42 3.94 -5.36
CA LEU B 166 20.76 4.23 -4.89
C LEU B 166 21.61 4.87 -5.99
N ARG B 167 21.40 4.43 -7.23
CA ARG B 167 22.16 4.98 -8.35
C ARG B 167 21.84 6.45 -8.62
N THR B 168 20.60 6.86 -8.40
CA THR B 168 20.22 8.26 -8.60
C THR B 168 20.83 9.11 -7.49
N LYS B 169 21.25 8.45 -6.42
CA LYS B 169 21.91 9.10 -5.30
C LYS B 169 23.43 8.99 -5.41
N ASN B 170 23.90 8.55 -6.59
CA ASN B 170 25.31 8.41 -6.94
C ASN B 170 26.07 7.30 -6.20
N TYR B 171 25.35 6.26 -5.78
CA TYR B 171 26.01 5.03 -5.34
C TYR B 171 26.04 4.11 -6.54
N ASP B 172 27.21 3.60 -6.91
CA ASP B 172 27.28 2.89 -8.17
C ASP B 172 26.95 1.44 -7.86
N ALA B 173 25.68 1.11 -7.96
CA ALA B 173 25.21 -0.17 -7.43
C ALA B 173 25.17 -1.18 -8.55
N ILE B 174 25.72 -2.36 -8.29
CA ILE B 174 25.64 -3.47 -9.22
C ILE B 174 24.52 -4.38 -8.72
N LEU B 175 23.53 -4.63 -9.58
CA LEU B 175 22.32 -5.35 -9.17
C LEU B 175 22.35 -6.82 -9.57
N TYR B 176 22.21 -7.70 -8.58
CA TYR B 176 22.01 -9.11 -8.89
C TYR B 176 20.64 -9.50 -8.36
N ALA B 177 19.69 -9.67 -9.27
CA ALA B 177 18.33 -9.97 -8.85
C ALA B 177 17.92 -11.37 -9.30
N TYR B 178 18.02 -12.31 -8.38
CA TYR B 178 17.76 -13.70 -8.70
C TYR B 178 16.27 -13.99 -8.50
N ALA B 179 15.62 -14.43 -9.57
CA ALA B 179 14.21 -14.88 -9.51
C ALA B 179 13.27 -13.73 -9.20
N ALA B 180 13.57 -12.55 -9.73
CA ALA B 180 12.82 -11.37 -9.41
C ALA B 180 11.45 -11.28 -10.08
N PRO B 181 10.43 -10.90 -9.29
CA PRO B 181 9.16 -10.42 -9.85
C PRO B 181 9.39 -9.12 -10.64
N ARG B 182 8.43 -8.76 -11.48
CA ARG B 182 8.45 -7.43 -12.09
C ARG B 182 8.25 -6.36 -11.04
N VAL B 183 8.99 -5.26 -11.13
CA VAL B 183 8.78 -4.14 -10.23
C VAL B 183 8.33 -2.82 -10.85
N ALA B 184 8.34 -2.75 -12.18
CA ALA B 184 8.35 -1.44 -12.83
C ALA B 184 7.40 -1.35 -14.02
N ASN B 185 6.87 -0.16 -14.27
CA ASN B 185 6.15 0.05 -15.51
C ASN B 185 7.16 0.29 -16.64
N LYS B 186 6.67 0.53 -17.86
CA LYS B 186 7.59 0.66 -18.99
C LYS B 186 8.64 1.78 -18.84
N PRO B 187 8.22 3.02 -18.49
CA PRO B 187 9.26 4.04 -18.32
C PRO B 187 10.30 3.72 -17.25
N LEU B 188 9.89 3.12 -16.13
CA LEU B 188 10.85 2.84 -15.07
C LEU B 188 11.77 1.68 -15.46
N ALA B 189 11.22 0.67 -16.13
CA ALA B 189 12.05 -0.42 -16.65
C ALA B 189 13.11 0.08 -17.63
N GLU B 190 12.71 1.00 -18.51
CA GLU B 190 13.66 1.60 -19.44
C GLU B 190 14.74 2.40 -18.70
N PHE B 191 14.32 3.15 -17.69
CA PHE B 191 15.23 3.95 -16.87
C PHE B 191 16.28 3.07 -16.19
N ILE B 192 15.80 2.02 -15.53
CA ILE B 192 16.70 1.12 -14.82
C ILE B 192 17.62 0.40 -15.81
N THR B 193 17.03 -0.10 -16.89
CA THR B 193 17.81 -0.80 -17.92
C THR B 193 18.97 0.06 -18.40
N ASN B 194 18.67 1.32 -18.67
CA ASN B 194 19.69 2.25 -19.14
C ASN B 194 20.77 2.57 -18.11
N GLN B 195 20.49 2.32 -16.83
CA GLN B 195 21.53 2.49 -15.81
C GLN B 195 22.65 1.46 -15.96
N GLY B 196 22.32 0.33 -16.56
CA GLY B 196 23.27 -0.76 -16.74
C GLY B 196 23.62 -1.43 -15.42
N ASN B 197 24.59 -2.35 -15.47
CA ASN B 197 25.00 -3.14 -14.31
C ASN B 197 23.82 -3.86 -13.66
N ASN B 198 22.93 -4.40 -14.50
CA ASN B 198 21.76 -5.17 -14.06
C ASN B 198 21.88 -6.63 -14.43
N TYR B 199 21.89 -7.50 -13.42
CA TYR B 199 21.87 -8.93 -13.70
C TYR B 199 20.63 -9.55 -13.08
N ARG B 200 19.61 -9.74 -13.91
CA ARG B 200 18.32 -10.27 -13.46
C ARG B 200 18.18 -11.68 -13.97
N PHE B 201 17.85 -12.62 -13.09
CA PHE B 201 17.83 -14.02 -13.47
C PHE B 201 16.44 -14.62 -13.42
N THR B 202 16.22 -15.58 -14.31
CA THR B 202 15.04 -16.44 -14.26
C THR B 202 15.52 -17.87 -14.42
N HIS B 203 14.68 -18.83 -14.02
CA HIS B 203 15.04 -20.23 -14.07
C HIS B 203 13.89 -21.05 -14.62
N ASN B 204 14.10 -21.61 -15.80
CA ASN B 204 13.10 -22.48 -16.44
C ASN B 204 11.70 -21.85 -16.35
N ASP B 205 10.75 -22.59 -15.78
CA ASP B 205 9.33 -22.18 -15.73
C ASP B 205 8.90 -21.51 -14.42
N ASP B 206 9.88 -20.99 -13.68
CA ASP B 206 9.60 -20.32 -12.41
C ASP B 206 8.41 -19.36 -12.60
N PRO B 207 7.34 -19.58 -11.82
CA PRO B 207 6.18 -18.69 -11.98
C PRO B 207 6.40 -17.27 -11.48
N VAL B 208 7.32 -17.05 -10.54
CA VAL B 208 7.37 -15.74 -9.85
C VAL B 208 7.78 -14.56 -10.77
N PRO B 209 8.77 -14.75 -11.67
CA PRO B 209 9.11 -13.67 -12.62
C PRO B 209 7.99 -13.32 -13.61
N LYS B 210 6.91 -14.07 -13.62
CA LYS B 210 5.78 -13.70 -14.48
C LYS B 210 4.75 -12.81 -13.78
N LEU B 211 5.07 -12.39 -12.55
CA LEU B 211 4.18 -11.55 -11.75
C LEU B 211 4.88 -10.28 -11.29
N PRO B 212 4.14 -9.16 -11.16
CA PRO B 212 2.74 -8.97 -11.58
C PRO B 212 2.62 -9.07 -13.10
N LEU B 213 1.39 -9.18 -13.60
CA LEU B 213 1.13 -9.42 -15.02
C LEU B 213 1.45 -8.26 -15.94
N LEU B 214 1.74 -8.58 -17.20
CA LEU B 214 1.88 -7.58 -18.24
C LEU B 214 0.62 -6.70 -18.33
N THR B 215 -0.55 -7.31 -18.13
CA THR B 215 -1.81 -6.58 -18.21
C THR B 215 -2.05 -5.66 -17.02
N MET B 216 -1.20 -5.78 -16.00
CA MET B 216 -1.26 -4.89 -14.85
C MET B 216 -0.32 -3.70 -15.02
N GLY B 217 0.28 -3.57 -16.19
CA GLY B 217 1.09 -2.40 -16.51
C GLY B 217 2.53 -2.51 -16.08
N TYR B 218 2.99 -3.74 -15.86
CA TYR B 218 4.39 -3.99 -15.54
C TYR B 218 5.15 -4.65 -16.68
N VAL B 219 6.45 -4.35 -16.80
CA VAL B 219 7.35 -5.11 -17.67
C VAL B 219 8.62 -5.41 -16.86
N HIS B 220 9.63 -5.98 -17.52
CA HIS B 220 10.89 -6.33 -16.84
C HIS B 220 12.05 -5.42 -17.21
N ILE B 221 12.97 -5.26 -16.26
CA ILE B 221 14.32 -4.78 -16.55
C ILE B 221 15.00 -5.71 -17.56
N SER B 222 15.74 -5.15 -18.51
CA SER B 222 16.41 -5.94 -19.52
C SER B 222 17.92 -5.88 -19.26
N PRO B 223 18.65 -6.96 -19.59
CA PRO B 223 18.22 -8.25 -20.13
C PRO B 223 17.76 -9.28 -19.08
N GLU B 224 17.32 -10.43 -19.59
CA GLU B 224 16.99 -11.60 -18.77
C GLU B 224 18.14 -12.58 -18.87
N TYR B 225 18.67 -13.03 -17.73
CA TYR B 225 19.63 -14.11 -17.76
C TYR B 225 18.83 -15.37 -17.45
N TYR B 226 18.56 -16.16 -18.50
CA TYR B 226 17.64 -17.29 -18.42
C TYR B 226 18.41 -18.57 -18.17
N ILE B 227 18.23 -19.12 -16.99
CA ILE B 227 18.91 -20.36 -16.57
C ILE B 227 18.08 -21.58 -16.90
N THR B 228 18.62 -22.46 -17.75
CA THR B 228 17.90 -23.69 -18.09
C THR B 228 18.42 -24.99 -17.44
N ALA B 229 19.35 -24.88 -16.50
CA ALA B 229 19.84 -26.05 -15.78
C ALA B 229 18.73 -26.66 -14.95
N PRO B 230 18.75 -27.99 -14.79
CA PRO B 230 17.83 -28.65 -13.86
C PRO B 230 18.04 -28.21 -12.42
N ASP B 231 17.04 -28.38 -11.58
CA ASP B 231 17.17 -28.20 -10.14
C ASP B 231 18.31 -29.00 -9.55
N ASN B 232 19.00 -28.41 -8.57
CA ASN B 232 20.03 -29.11 -7.78
C ASN B 232 21.13 -29.68 -8.68
N THR B 233 21.52 -28.88 -9.66
CA THR B 233 22.69 -29.18 -10.51
C THR B 233 23.48 -27.90 -10.67
N THR B 234 24.79 -28.03 -10.87
CA THR B 234 25.60 -26.86 -11.15
C THR B 234 25.25 -26.29 -12.51
N VAL B 235 25.10 -24.98 -12.56
CA VAL B 235 24.84 -24.28 -13.81
C VAL B 235 26.11 -24.14 -14.65
N THR B 236 26.04 -24.57 -15.91
CA THR B 236 27.19 -24.41 -16.80
C THR B 236 27.00 -23.21 -17.71
N ASP B 237 28.04 -22.90 -18.48
CA ASP B 237 27.97 -21.78 -19.39
C ASP B 237 26.92 -21.95 -20.51
N ASN B 238 26.60 -23.16 -21.00
CA ASN B 238 25.63 -23.14 -22.07
C ASN B 238 24.22 -23.24 -21.52
N GLN B 239 24.08 -23.19 -20.21
CA GLN B 239 22.75 -23.22 -19.58
C GLN B 239 22.27 -21.84 -19.10
N VAL B 240 22.99 -20.78 -19.47
CA VAL B 240 22.53 -19.41 -19.24
C VAL B 240 22.42 -18.68 -20.58
N THR B 241 21.21 -18.22 -20.90
CA THR B 241 20.96 -17.52 -22.16
C THR B 241 20.56 -16.08 -21.87
N VAL B 242 21.18 -15.12 -22.55
CA VAL B 242 20.90 -13.71 -22.33
C VAL B 242 19.85 -13.21 -23.34
N LEU B 243 18.75 -12.66 -22.84
CA LEU B 243 17.63 -12.25 -23.70
C LEU B 243 17.27 -10.79 -23.48
N ASP B 244 17.31 -10.00 -24.56
CA ASP B 244 17.01 -8.58 -24.50
C ASP B 244 15.52 -8.25 -24.62
N GLY B 245 15.14 -7.11 -24.06
CA GLY B 245 13.80 -6.55 -24.14
C GLY B 245 13.06 -6.50 -22.82
N TYR B 246 12.11 -5.56 -22.71
CA TYR B 246 11.32 -5.41 -21.51
C TYR B 246 10.29 -6.52 -21.44
N VAL B 247 9.95 -7.06 -22.61
CA VAL B 247 9.12 -8.25 -22.72
C VAL B 247 9.74 -9.15 -23.76
N ASN B 248 10.03 -10.38 -23.38
CA ASN B 248 10.60 -11.36 -24.30
C ASN B 248 9.98 -12.70 -24.01
N PHE B 249 9.41 -13.34 -25.03
CA PHE B 249 8.70 -14.60 -24.80
C PHE B 249 9.54 -15.83 -25.06
N LYS B 250 10.79 -15.62 -25.45
CA LYS B 250 11.73 -16.70 -25.43
C LYS B 250 12.17 -16.66 -23.96
N GLY B 251 12.59 -17.76 -23.38
CA GLY B 251 12.90 -17.65 -21.96
C GLY B 251 11.71 -17.80 -21.05
N ASN B 252 11.88 -17.39 -19.80
CA ASN B 252 10.90 -17.71 -18.75
C ASN B 252 9.48 -17.23 -19.04
N THR B 253 9.36 -16.05 -19.64
CA THR B 253 8.04 -15.43 -19.84
C THR B 253 7.14 -16.26 -20.78
N GLY B 254 7.77 -17.05 -21.65
CA GLY B 254 7.02 -17.89 -22.57
C GLY B 254 6.72 -19.31 -22.07
N THR B 255 7.22 -19.64 -20.88
CA THR B 255 7.01 -21.00 -20.36
C THR B 255 5.57 -21.17 -19.85
N SER B 256 5.13 -22.42 -19.73
CA SER B 256 3.78 -22.75 -19.25
C SER B 256 2.68 -21.98 -20.00
N GLY B 257 2.88 -21.75 -21.29
CA GLY B 257 1.92 -21.03 -22.11
C GLY B 257 1.74 -19.58 -21.68
N GLY B 258 2.71 -19.07 -20.93
CA GLY B 258 2.65 -17.70 -20.43
C GLY B 258 2.07 -17.58 -19.03
N LEU B 259 1.48 -18.67 -18.52
CA LEU B 259 0.85 -18.66 -17.20
C LEU B 259 1.86 -18.92 -16.10
N PRO B 260 1.64 -18.34 -14.91
CA PRO B 260 2.42 -18.68 -13.71
C PRO B 260 1.92 -19.99 -13.09
N ASP B 261 2.53 -21.10 -13.47
CA ASP B 261 2.13 -22.43 -12.98
C ASP B 261 2.56 -22.64 -11.52
N LEU B 262 1.59 -22.88 -10.65
CA LEU B 262 1.87 -23.11 -9.22
C LEU B 262 2.78 -24.29 -9.01
N LEU B 263 2.63 -25.31 -9.85
CA LEU B 263 3.42 -26.52 -9.66
C LEU B 263 4.85 -26.34 -10.19
N ALA B 264 5.11 -25.21 -10.83
CA ALA B 264 6.46 -24.92 -11.30
C ALA B 264 7.26 -24.24 -10.22
N PHE B 265 6.70 -24.13 -9.02
CA PHE B 265 7.37 -23.40 -7.95
C PHE B 265 8.75 -23.98 -7.58
N HIS B 266 8.95 -25.27 -7.77
CA HIS B 266 10.27 -25.86 -7.52
C HIS B 266 11.38 -25.08 -8.22
N SER B 267 11.09 -24.57 -9.42
CA SER B 267 12.10 -23.85 -10.19
C SER B 267 12.52 -22.56 -9.48
N HIS B 268 11.66 -22.03 -8.61
CA HIS B 268 11.91 -20.75 -7.96
C HIS B 268 13.06 -20.80 -6.97
N VAL B 269 13.28 -21.97 -6.37
CA VAL B 269 14.23 -22.03 -5.26
C VAL B 269 15.63 -22.47 -5.68
N TRP B 270 15.80 -22.82 -6.95
CA TRP B 270 17.12 -23.23 -7.41
C TRP B 270 17.65 -22.21 -8.41
N TYR B 271 18.45 -21.27 -7.91
CA TYR B 271 19.15 -20.32 -8.75
C TYR B 271 20.63 -20.43 -8.41
N PHE B 272 21.31 -21.22 -9.24
CA PHE B 272 22.69 -21.70 -9.05
C PHE B 272 22.87 -22.58 -7.81
N ILE B 273 22.12 -22.28 -6.76
CA ILE B 273 22.23 -22.97 -5.49
C ILE B 273 20.84 -23.07 -4.95
N HIS B 274 20.68 -23.73 -3.80
CA HIS B 274 19.36 -23.80 -3.19
C HIS B 274 19.22 -22.54 -2.39
N ALA B 275 18.52 -21.56 -2.95
CA ALA B 275 18.72 -20.18 -2.52
C ALA B 275 18.09 -19.90 -1.16
N ASP B 276 16.95 -20.53 -0.87
CA ASP B 276 16.23 -20.26 0.37
C ASP B 276 16.46 -21.32 1.45
N ALA B 277 17.42 -22.20 1.24
CA ALA B 277 17.59 -23.37 2.10
C ALA B 277 17.87 -23.04 3.58
N CYS B 278 18.33 -21.82 3.85
CA CYS B 278 18.75 -21.46 5.20
C CYS B 278 17.55 -21.04 6.04
N LYS B 279 16.38 -21.10 5.38
CA LYS B 279 15.02 -21.16 5.94
C LYS B 279 14.23 -19.92 5.56
#